data_3C4F
#
_entry.id   3C4F
#
_cell.length_a   208.190
_cell.length_b   57.623
_cell.length_c   65.368
_cell.angle_alpha   90.00
_cell.angle_beta   107.62
_cell.angle_gamma   90.00
#
_symmetry.space_group_name_H-M   'C 1 2 1'
#
loop_
_entity.id
_entity.type
_entity.pdbx_description
1 polymer 'Basic fibroblast growth factor receptor 1'
2 non-polymer 3-(3-methoxybenzyl)-1H-pyrrolo[2,3-b]pyridine
3 water water
#
_entity_poly.entity_id   1
_entity_poly.type   'polypeptide(L)'
_entity_poly.pdbx_seq_one_letter_code
;ELPEDPRWELPRDRLVLGKPLGEGAFGQVVLAEAIGLDKDKPNRVTKVAVKMLKSDATEKDLSDLISEMEMMKMIGKHKN
IINLLGACTQDGPLYVIVEYASKGNLREYLQARRPPGLEYCYNPSHNPEEQLSSKDLVSCAYQVARGMEYLASKKCIHRD
LAARNVLVTEDNVMKIADFGLARDIHHIDYYKKTTNGRLPVKWMAPEALFDRIYTHQSDVWSFGVLLWEIFTLGGSPYPG
VPVEELFKLLKEGHRMDKPSNCTNELYMMMRDCWHAVPSQRPTFKQLVEDLDRIVALTSNQE
;
_entity_poly.pdbx_strand_id   A,B
#
loop_
_chem_comp.id
_chem_comp.type
_chem_comp.name
_chem_comp.formula
C4F non-polymer 3-(3-methoxybenzyl)-1H-pyrrolo[2,3-b]pyridine 'C15 H14 N2 O'
#
# COMPACT_ATOMS: atom_id res chain seq x y z
N GLU A 1 42.50 -12.69 -27.59
CA GLU A 1 41.13 -12.63 -28.20
C GLU A 1 40.48 -11.22 -28.22
N LEU A 2 40.74 -10.35 -27.22
CA LEU A 2 40.12 -9.01 -27.19
C LEU A 2 40.94 -7.95 -27.92
N PRO A 3 40.27 -7.08 -28.66
CA PRO A 3 40.95 -6.00 -29.38
C PRO A 3 41.48 -4.92 -28.42
N GLU A 4 42.67 -4.39 -28.68
CA GLU A 4 43.23 -3.33 -27.87
C GLU A 4 42.59 -1.99 -28.22
N ASP A 5 42.30 -1.16 -27.22
CA ASP A 5 41.75 0.20 -27.40
C ASP A 5 42.49 1.17 -26.48
N PRO A 6 43.52 1.83 -27.01
CA PRO A 6 44.36 2.75 -26.24
C PRO A 6 43.63 3.92 -25.59
N ARG A 7 42.44 4.24 -26.05
CA ARG A 7 41.64 5.28 -25.43
C ARG A 7 41.23 4.91 -23.98
N TRP A 8 41.11 3.61 -23.71
CA TRP A 8 40.61 3.17 -22.41
C TRP A 8 41.51 2.26 -21.59
N GLU A 9 42.56 1.72 -22.20
CA GLU A 9 43.35 0.69 -21.53
C GLU A 9 44.24 1.22 -20.41
N LEU A 10 44.21 0.50 -19.29
CA LEU A 10 45.05 0.75 -18.13
C LEU A 10 45.92 -0.49 -17.91
N PRO A 11 47.22 -0.32 -17.66
CA PRO A 11 48.03 -1.49 -17.35
C PRO A 11 47.49 -2.15 -16.06
N ARG A 12 47.38 -3.46 -16.16
CA ARG A 12 46.91 -4.33 -15.11
C ARG A 12 47.63 -4.11 -13.75
N ASP A 13 48.90 -3.75 -13.80
CA ASP A 13 49.68 -3.55 -12.57
C ASP A 13 49.35 -2.25 -11.85
N ARG A 14 48.54 -1.39 -12.48
CA ARG A 14 48.11 -0.13 -11.89
C ARG A 14 46.86 -0.29 -11.03
N LEU A 15 46.29 -1.49 -10.97
CA LEU A 15 45.04 -1.69 -10.26
C LEU A 15 45.20 -2.62 -9.05
N VAL A 16 45.03 -2.09 -7.84
CA VAL A 16 45.08 -2.91 -6.61
C VAL A 16 43.66 -3.34 -6.22
N LEU A 17 43.35 -4.62 -6.42
CA LEU A 17 42.01 -5.15 -6.17
C LEU A 17 41.67 -5.28 -4.70
N GLY A 18 40.40 -5.05 -4.39
CA GLY A 18 39.93 -5.07 -3.03
C GLY A 18 38.69 -5.91 -2.79
N LYS A 19 37.92 -5.49 -1.78
CA LYS A 19 36.73 -6.23 -1.32
C LYS A 19 35.52 -6.11 -2.25
N PRO A 20 34.67 -7.14 -2.25
CA PRO A 20 33.45 -7.15 -3.07
C PRO A 20 32.48 -6.01 -2.83
N LEU A 21 31.81 -5.57 -3.90
CA LEU A 21 30.86 -4.46 -3.83
C LEU A 21 29.46 -4.83 -4.34
N GLY A 22 28.47 -4.16 -3.77
CA GLY A 22 27.07 -4.32 -4.15
C GLY A 22 26.43 -5.68 -3.86
N GLU A 23 26.99 -6.45 -2.92
CA GLU A 23 26.49 -7.80 -2.53
C GLU A 23 25.94 -8.62 -3.73
N GLY A 24 26.70 -8.64 -4.82
CA GLY A 24 26.31 -9.39 -6.00
C GLY A 24 25.14 -8.87 -6.87
N ALA A 25 24.56 -7.71 -6.56
CA ALA A 25 23.43 -7.21 -7.37
C ALA A 25 23.86 -6.77 -8.75
N PHE A 26 25.12 -6.39 -8.92
CA PHE A 26 25.65 -5.96 -10.22
C PHE A 26 26.62 -6.95 -10.82
N GLY A 27 26.60 -8.20 -10.34
CA GLY A 27 27.52 -9.23 -10.78
C GLY A 27 28.79 -9.20 -9.94
N GLN A 28 29.86 -9.80 -10.45
CA GLN A 28 31.14 -9.83 -9.73
C GLN A 28 31.85 -8.49 -9.83
N VAL A 29 31.68 -7.68 -8.81
CA VAL A 29 32.27 -6.35 -8.78
C VAL A 29 33.07 -6.12 -7.50
N VAL A 30 34.24 -5.51 -7.61
CA VAL A 30 35.07 -5.25 -6.43
C VAL A 30 35.53 -3.81 -6.38
N LEU A 31 35.90 -3.38 -5.20
CA LEU A 31 36.47 -2.07 -5.00
C LEU A 31 37.97 -2.22 -5.29
N ALA A 32 38.57 -1.21 -5.89
CA ALA A 32 39.96 -1.21 -6.23
C ALA A 32 40.56 0.16 -6.14
N GLU A 33 41.88 0.19 -6.19
CA GLU A 33 42.63 1.44 -6.18
C GLU A 33 43.40 1.44 -7.46
N ALA A 34 43.23 2.48 -8.24
CA ALA A 34 43.89 2.58 -9.52
C ALA A 34 44.97 3.63 -9.41
N ILE A 35 46.20 3.27 -9.80
CA ILE A 35 47.31 4.22 -9.74
C ILE A 35 47.44 4.89 -11.09
N GLY A 36 47.58 6.20 -11.09
CA GLY A 36 47.73 6.96 -12.31
C GLY A 36 46.64 6.76 -13.36
N LEU A 37 45.40 6.98 -12.95
CA LEU A 37 44.24 6.92 -13.86
C LEU A 37 44.31 8.13 -14.78
N ASP A 38 44.47 9.31 -14.19
CA ASP A 38 44.70 10.53 -14.95
C ASP A 38 46.15 10.46 -15.40
N LYS A 39 46.41 10.66 -16.69
CA LYS A 39 47.80 10.61 -17.22
C LYS A 39 48.67 11.77 -16.67
N ASP A 40 48.01 12.89 -16.30
CA ASP A 40 48.65 14.09 -15.74
C ASP A 40 49.15 13.88 -14.31
N LYS A 41 48.52 12.95 -13.58
CA LYS A 41 48.83 12.70 -12.17
C LYS A 41 49.09 11.21 -11.92
N PRO A 42 50.22 10.69 -12.40
CA PRO A 42 50.56 9.27 -12.24
C PRO A 42 50.84 8.77 -10.79
N ASN A 43 51.02 9.67 -9.82
CA ASN A 43 51.29 9.26 -8.44
C ASN A 43 50.06 9.41 -7.53
N ARG A 44 48.88 9.52 -8.12
CA ARG A 44 47.66 9.65 -7.35
C ARG A 44 46.88 8.33 -7.44
N VAL A 45 46.27 7.89 -6.35
CA VAL A 45 45.43 6.70 -6.42
C VAL A 45 43.97 7.16 -6.32
N THR A 46 43.12 6.44 -7.05
CA THR A 46 41.69 6.69 -7.12
C THR A 46 40.90 5.45 -6.77
N LYS A 47 39.93 5.58 -5.89
CA LYS A 47 39.03 4.49 -5.57
C LYS A 47 38.09 4.35 -6.76
N VAL A 48 38.00 3.14 -7.30
CA VAL A 48 37.18 2.82 -8.46
C VAL A 48 36.48 1.49 -8.24
N ALA A 49 35.46 1.22 -9.04
CA ALA A 49 34.75 -0.05 -8.95
C ALA A 49 35.20 -0.82 -10.17
N VAL A 50 35.21 -2.16 -10.09
CA VAL A 50 35.73 -3.02 -11.14
C VAL A 50 34.87 -4.25 -11.35
N LYS A 51 34.30 -4.40 -12.54
CA LYS A 51 33.44 -5.54 -12.94
C LYS A 51 34.22 -6.58 -13.72
N MET A 52 33.96 -7.85 -13.46
CA MET A 52 34.67 -8.94 -14.12
C MET A 52 33.78 -10.18 -14.23
N LEU A 53 34.18 -11.12 -15.07
CA LEU A 53 33.43 -12.36 -15.25
C LEU A 53 33.62 -13.28 -14.07
N LYS A 54 32.54 -13.95 -13.66
CA LYS A 54 32.58 -14.95 -12.60
C LYS A 54 33.42 -16.12 -13.10
N SER A 55 33.88 -16.98 -12.18
CA SER A 55 34.76 -18.12 -12.54
C SER A 55 34.20 -19.02 -13.64
N ASP A 56 32.92 -19.37 -13.54
CA ASP A 56 32.28 -20.29 -14.51
C ASP A 56 31.41 -19.55 -15.55
N ALA A 57 31.98 -18.51 -16.15
CA ALA A 57 31.30 -17.71 -17.15
C ALA A 57 31.38 -18.37 -18.51
N THR A 58 30.29 -18.26 -19.25
CA THR A 58 30.20 -18.80 -20.60
C THR A 58 30.72 -17.75 -21.57
N GLU A 59 30.69 -18.08 -22.87
CA GLU A 59 31.13 -17.19 -23.92
C GLU A 59 30.14 -16.02 -24.10
N LYS A 60 28.87 -16.25 -23.75
CA LYS A 60 27.83 -15.23 -23.88
C LYS A 60 27.96 -14.21 -22.79
N ASP A 61 28.41 -14.65 -21.61
CA ASP A 61 28.67 -13.76 -20.48
C ASP A 61 29.81 -12.81 -20.86
N LEU A 62 30.80 -13.32 -21.58
CA LEU A 62 31.90 -12.48 -22.02
C LEU A 62 31.38 -11.47 -23.03
N SER A 63 30.60 -11.92 -24.01
CA SER A 63 30.02 -11.01 -25.00
C SER A 63 29.22 -9.90 -24.37
N ASP A 64 28.45 -10.24 -23.35
CA ASP A 64 27.57 -9.32 -22.65
C ASP A 64 28.36 -8.28 -21.87
N LEU A 65 29.45 -8.70 -21.22
CA LEU A 65 30.29 -7.74 -20.52
C LEU A 65 31.01 -6.82 -21.52
N ILE A 66 31.38 -7.36 -22.67
CA ILE A 66 32.03 -6.53 -23.72
C ILE A 66 31.05 -5.49 -24.26
N SER A 67 29.82 -5.91 -24.56
CA SER A 67 28.78 -5.03 -25.06
C SER A 67 28.53 -3.87 -24.13
N GLU A 68 28.44 -4.20 -22.87
CA GLU A 68 28.23 -3.25 -21.81
C GLU A 68 29.31 -2.17 -21.85
N MET A 69 30.56 -2.62 -21.91
CA MET A 69 31.70 -1.70 -21.96
C MET A 69 31.63 -0.78 -23.21
N GLU A 70 31.44 -1.36 -24.38
CA GLU A 70 31.34 -0.60 -25.64
C GLU A 70 30.18 0.38 -25.63
N MET A 71 29.05 -0.04 -25.06
CA MET A 71 27.89 0.83 -24.93
C MET A 71 28.28 2.06 -24.11
N MET A 72 28.98 1.81 -23.01
CA MET A 72 29.45 2.85 -22.12
C MET A 72 30.45 3.79 -22.79
N LYS A 73 31.31 3.26 -23.66
CA LYS A 73 32.24 4.12 -24.40
C LYS A 73 31.51 5.08 -25.33
N MET A 74 30.47 4.60 -25.99
CA MET A 74 29.73 5.40 -26.94
C MET A 74 28.85 6.48 -26.28
N ILE A 75 28.25 6.15 -25.13
CA ILE A 75 27.28 7.07 -24.46
C ILE A 75 27.88 8.36 -23.92
N GLY A 76 29.18 8.35 -23.60
CA GLY A 76 29.85 9.53 -23.10
C GLY A 76 29.60 9.77 -21.62
N LYS A 77 30.22 10.85 -21.13
CA LYS A 77 30.23 11.20 -19.73
C LYS A 77 29.09 12.04 -19.24
N HIS A 78 28.58 11.74 -18.06
CA HIS A 78 27.60 12.60 -17.42
C HIS A 78 27.68 12.44 -15.92
N LYS A 79 27.58 13.54 -15.20
CA LYS A 79 27.64 13.59 -13.74
C LYS A 79 26.66 12.66 -13.04
N ASN A 80 25.52 12.36 -13.66
CA ASN A 80 24.54 11.48 -13.02
C ASN A 80 24.37 10.08 -13.58
N ILE A 81 25.42 9.57 -14.19
CA ILE A 81 25.49 8.16 -14.60
C ILE A 81 26.81 7.61 -14.07
N ILE A 82 26.92 6.28 -13.97
CA ILE A 82 28.15 5.66 -13.55
C ILE A 82 29.03 5.66 -14.79
N ASN A 83 30.09 6.45 -14.78
CA ASN A 83 30.96 6.54 -15.94
C ASN A 83 32.07 5.51 -16.01
N LEU A 84 32.36 5.08 -17.24
CA LEU A 84 33.48 4.19 -17.52
C LEU A 84 34.74 5.03 -17.32
N LEU A 85 35.76 4.42 -16.74
CA LEU A 85 37.02 5.10 -16.50
C LEU A 85 38.20 4.38 -17.17
N GLY A 86 38.08 3.09 -17.43
CA GLY A 86 39.14 2.35 -18.07
C GLY A 86 38.82 0.86 -18.23
N ALA A 87 39.79 0.12 -18.70
CA ALA A 87 39.66 -1.31 -18.87
C ALA A 87 41.04 -1.94 -18.95
N CYS A 88 41.12 -3.22 -18.56
CA CYS A 88 42.29 -4.05 -18.76
C CYS A 88 41.70 -5.17 -19.58
N THR A 89 42.08 -5.25 -20.84
CA THR A 89 41.59 -6.25 -21.76
C THR A 89 42.68 -7.20 -22.26
N GLN A 90 43.94 -6.90 -21.95
CA GLN A 90 45.07 -7.67 -22.47
C GLN A 90 45.79 -8.55 -21.43
N ASP A 91 46.15 -9.75 -21.87
CA ASP A 91 46.90 -10.70 -21.07
C ASP A 91 46.34 -10.85 -19.69
N GLY A 92 45.13 -11.39 -19.63
CA GLY A 92 44.44 -11.59 -18.37
C GLY A 92 42.92 -11.43 -18.50
N PRO A 93 42.23 -11.62 -17.37
CA PRO A 93 40.77 -11.49 -17.36
C PRO A 93 40.32 -10.06 -17.67
N LEU A 94 39.19 -9.91 -18.31
CA LEU A 94 38.68 -8.58 -18.62
C LEU A 94 38.21 -7.84 -17.38
N TYR A 95 38.71 -6.62 -17.17
CA TYR A 95 38.27 -5.76 -16.08
C TYR A 95 37.65 -4.52 -16.70
N VAL A 96 36.50 -4.09 -16.21
CA VAL A 96 35.82 -2.88 -16.67
C VAL A 96 35.82 -1.95 -15.48
N ILE A 97 36.60 -0.89 -15.56
CA ILE A 97 36.76 0.03 -14.44
C ILE A 97 35.77 1.18 -14.53
N VAL A 98 34.96 1.35 -13.49
CA VAL A 98 33.93 2.40 -13.43
C VAL A 98 33.97 3.21 -12.14
N GLU A 99 33.21 4.31 -12.08
CA GLU A 99 33.19 5.18 -10.93
C GLU A 99 32.63 4.46 -9.71
N TYR A 100 33.22 4.78 -8.56
CA TYR A 100 32.88 4.18 -7.27
C TYR A 100 31.82 5.00 -6.58
N ALA A 101 30.86 4.32 -5.98
CA ALA A 101 29.76 4.94 -5.27
C ALA A 101 29.76 4.45 -3.82
N SER A 102 30.44 5.18 -2.94
CA SER A 102 30.59 4.78 -1.52
C SER A 102 29.34 4.69 -0.63
N LYS A 103 28.22 5.28 -1.01
CA LYS A 103 27.03 5.26 -0.14
C LYS A 103 25.96 4.27 -0.58
N GLY A 104 26.30 3.41 -1.53
CA GLY A 104 25.42 2.35 -1.98
C GLY A 104 24.28 2.76 -2.90
N ASN A 105 23.36 1.83 -3.07
CA ASN A 105 22.22 2.08 -3.93
C ASN A 105 21.19 2.97 -3.21
N LEU A 106 20.38 3.68 -3.99
CA LEU A 106 19.46 4.70 -3.48
C LEU A 106 18.40 4.18 -2.50
N ARG A 107 17.92 2.97 -2.74
CA ARG A 107 16.98 2.34 -1.82
C ARG A 107 17.59 2.26 -0.42
N GLU A 108 18.79 1.72 -0.33
CA GLU A 108 19.51 1.57 0.93
C GLU A 108 19.79 2.94 1.58
N TYR A 109 20.32 3.85 0.79
CA TYR A 109 20.62 5.22 1.21
C TYR A 109 19.38 5.84 1.88
N LEU A 110 18.22 5.73 1.24
CA LEU A 110 16.98 6.30 1.79
C LEU A 110 16.52 5.58 3.05
N GLN A 111 16.54 4.24 3.04
CA GLN A 111 16.10 3.45 4.18
C GLN A 111 16.90 3.77 5.45
N ALA A 112 18.22 3.92 5.33
CA ALA A 112 19.06 4.21 6.47
C ALA A 112 18.83 5.60 7.02
N ARG A 113 18.24 6.48 6.20
CA ARG A 113 17.97 7.84 6.63
C ARG A 113 16.55 8.05 7.13
N ARG A 114 15.83 6.96 7.38
CA ARG A 114 14.50 7.08 7.97
C ARG A 114 14.62 7.46 9.44
N PRO A 115 13.55 8.06 9.99
CA PRO A 115 13.49 8.30 11.42
C PRO A 115 13.45 6.93 12.08
N PRO A 116 14.21 6.71 13.14
CA PRO A 116 14.25 5.40 13.81
C PRO A 116 13.03 5.12 14.69
N GLU A 129 22.59 8.13 8.62
CA GLU A 129 21.84 8.58 9.81
C GLU A 129 21.05 9.87 9.50
N GLU A 130 21.74 11.01 9.49
CA GLU A 130 21.08 12.32 9.26
C GLU A 130 19.85 12.21 8.35
N GLN A 131 18.68 12.57 8.90
CA GLN A 131 17.44 12.58 8.14
C GLN A 131 17.52 13.52 6.92
N LEU A 132 16.67 13.26 5.95
CA LEU A 132 16.66 14.03 4.72
C LEU A 132 15.56 15.07 4.69
N SER A 133 15.91 16.27 4.25
CA SER A 133 14.94 17.33 4.11
C SER A 133 14.04 17.06 2.89
N SER A 134 12.90 17.73 2.84
CA SER A 134 12.01 17.63 1.67
C SER A 134 12.75 18.06 0.40
N LYS A 135 13.61 19.06 0.53
CA LYS A 135 14.43 19.54 -0.57
C LYS A 135 15.46 18.50 -0.99
N ASP A 136 16.07 17.78 -0.05
CA ASP A 136 17.05 16.76 -0.42
C ASP A 136 16.38 15.67 -1.25
N LEU A 137 15.13 15.33 -0.92
CA LEU A 137 14.42 14.28 -1.64
C LEU A 137 14.07 14.71 -3.07
N VAL A 138 13.64 15.94 -3.23
CA VAL A 138 13.28 16.43 -4.55
C VAL A 138 14.57 16.53 -5.35
N SER A 139 15.64 16.99 -4.68
CA SER A 139 16.94 17.15 -5.32
C SER A 139 17.41 15.82 -5.86
N CYS A 140 17.09 14.78 -5.12
CA CYS A 140 17.39 13.42 -5.50
C CYS A 140 16.66 13.00 -6.79
N ALA A 141 15.38 13.33 -6.85
CA ALA A 141 14.59 13.01 -8.04
C ALA A 141 15.16 13.74 -9.24
N TYR A 142 15.53 15.00 -9.02
CA TYR A 142 16.04 15.86 -10.07
C TYR A 142 17.31 15.31 -10.71
N GLN A 143 18.27 14.92 -9.87
CA GLN A 143 19.53 14.38 -10.34
C GLN A 143 19.32 13.11 -11.17
N VAL A 144 18.40 12.24 -10.72
CA VAL A 144 18.12 11.02 -11.45
C VAL A 144 17.43 11.39 -12.77
N ALA A 145 16.52 12.37 -12.74
CA ALA A 145 15.84 12.79 -13.97
C ALA A 145 16.87 13.33 -14.98
N ARG A 146 17.94 13.93 -14.45
CA ARG A 146 19.02 14.50 -15.27
C ARG A 146 19.87 13.43 -15.91
N GLY A 147 20.23 12.41 -15.13
CA GLY A 147 20.94 11.29 -15.67
C GLY A 147 20.12 10.67 -16.80
N MET A 148 18.83 10.47 -16.57
CA MET A 148 17.94 9.85 -17.59
C MET A 148 17.73 10.72 -18.85
N GLU A 149 17.67 12.05 -18.68
CA GLU A 149 17.54 12.94 -19.81
C GLU A 149 18.77 12.81 -20.68
N TYR A 150 19.95 12.71 -20.04
CA TYR A 150 21.18 12.56 -20.77
C TYR A 150 21.17 11.22 -21.52
N LEU A 151 20.83 10.15 -20.82
CA LEU A 151 20.81 8.81 -21.45
C LEU A 151 19.83 8.81 -22.64
N ALA A 152 18.65 9.37 -22.44
CA ALA A 152 17.66 9.42 -23.51
C ALA A 152 18.17 10.21 -24.71
N SER A 153 18.89 11.28 -24.45
CA SER A 153 19.39 12.16 -25.52
C SER A 153 20.47 11.43 -26.32
N LYS A 154 21.11 10.45 -25.70
CA LYS A 154 22.05 9.55 -26.34
C LYS A 154 21.40 8.27 -26.85
N LYS A 155 20.07 8.24 -26.96
CA LYS A 155 19.29 7.12 -27.54
C LYS A 155 19.30 5.81 -26.75
N CYS A 156 19.64 5.91 -25.47
CA CYS A 156 19.73 4.77 -24.61
C CYS A 156 18.41 4.59 -23.82
N ILE A 157 17.85 3.39 -23.87
CA ILE A 157 16.68 3.07 -23.09
C ILE A 157 17.19 2.14 -21.98
N HIS A 158 16.90 2.52 -20.73
CA HIS A 158 17.39 1.79 -19.57
C HIS A 158 16.76 0.41 -19.43
N ARG A 159 15.43 0.36 -19.34
CA ARG A 159 14.62 -0.88 -19.22
C ARG A 159 14.45 -1.42 -17.81
N ASP A 160 15.29 -0.98 -16.87
CA ASP A 160 15.08 -1.30 -15.44
C ASP A 160 15.42 -0.13 -14.49
N LEU A 161 14.86 1.05 -14.77
CA LEU A 161 15.12 2.18 -13.92
C LEU A 161 14.37 1.96 -12.62
N ALA A 162 15.11 2.03 -11.53
CA ALA A 162 14.60 1.77 -10.20
C ALA A 162 15.66 2.27 -9.22
N ALA A 163 15.27 2.43 -7.97
CA ALA A 163 16.16 2.93 -6.92
C ALA A 163 17.36 2.03 -6.72
N ARG A 164 17.18 0.73 -6.92
CA ARG A 164 18.26 -0.21 -6.74
C ARG A 164 19.37 -0.01 -7.77
N ASN A 165 19.01 0.57 -8.93
CA ASN A 165 19.99 0.84 -10.01
C ASN A 165 20.44 2.29 -10.07
N VAL A 166 20.28 2.97 -8.95
CA VAL A 166 20.83 4.30 -8.77
C VAL A 166 21.84 4.21 -7.64
N LEU A 167 23.05 4.68 -7.86
CA LEU A 167 24.08 4.65 -6.83
C LEU A 167 24.36 6.07 -6.36
N VAL A 168 24.87 6.19 -5.13
CA VAL A 168 25.11 7.48 -4.49
C VAL A 168 26.57 7.60 -4.12
N THR A 169 27.24 8.68 -4.50
CA THR A 169 28.68 8.86 -4.21
C THR A 169 28.92 9.38 -2.81
N GLU A 170 30.18 9.54 -2.47
CA GLU A 170 30.59 10.07 -1.17
C GLU A 170 30.04 11.50 -1.01
N ASP A 171 29.91 12.24 -2.11
CA ASP A 171 29.36 13.62 -2.11
C ASP A 171 27.86 13.73 -2.47
N ASN A 172 27.11 12.68 -2.21
CA ASN A 172 25.65 12.62 -2.42
C ASN A 172 25.14 12.92 -3.84
N VAL A 173 25.95 12.58 -4.84
CA VAL A 173 25.59 12.70 -6.26
C VAL A 173 24.91 11.38 -6.65
N MET A 174 23.77 11.47 -7.32
CA MET A 174 23.04 10.29 -7.76
C MET A 174 23.58 9.92 -9.12
N LYS A 175 23.85 8.63 -9.32
CA LYS A 175 24.40 8.11 -10.57
C LYS A 175 23.64 6.86 -11.02
N ILE A 176 23.09 6.89 -12.22
CA ILE A 176 22.37 5.77 -12.78
C ILE A 176 23.35 4.67 -13.21
N ALA A 177 23.08 3.46 -12.78
CA ALA A 177 23.90 2.28 -13.08
C ALA A 177 23.19 1.36 -14.02
N ASP A 178 23.97 0.50 -14.68
CA ASP A 178 23.44 -0.57 -15.50
C ASP A 178 22.55 -0.12 -16.64
N PHE A 179 22.86 1.04 -17.21
CA PHE A 179 22.08 1.61 -18.32
C PHE A 179 22.46 0.99 -19.66
N GLY A 180 23.55 0.22 -19.72
CA GLY A 180 24.01 -0.37 -20.98
C GLY A 180 24.05 -1.89 -20.91
N LEU A 181 23.26 -2.46 -20.02
CA LEU A 181 23.23 -3.89 -19.78
C LEU A 181 22.61 -4.64 -20.97
N ALA A 182 23.19 -5.79 -21.27
CA ALA A 182 22.68 -6.62 -22.33
C ALA A 182 21.57 -7.43 -21.70
N ARG A 183 20.47 -7.57 -22.42
CA ARG A 183 19.34 -8.33 -21.91
C ARG A 183 18.48 -8.76 -23.09
N ASP A 184 18.07 -10.03 -23.06
CA ASP A 184 17.19 -10.56 -24.10
C ASP A 184 15.80 -10.44 -23.50
N ILE A 185 15.05 -9.43 -23.91
CA ILE A 185 13.71 -9.19 -23.35
C ILE A 185 12.68 -10.31 -23.62
N HIS A 186 12.93 -11.16 -24.61
CA HIS A 186 12.02 -12.26 -24.89
C HIS A 186 12.24 -13.44 -23.95
N HIS A 187 13.29 -13.38 -23.11
CA HIS A 187 13.58 -14.43 -22.14
C HIS A 187 13.68 -13.96 -20.69
N ILE A 188 12.87 -12.97 -20.31
CA ILE A 188 12.84 -12.51 -18.92
C ILE A 188 12.01 -13.49 -18.12
N ASP A 189 12.41 -13.75 -16.89
CA ASP A 189 11.66 -14.57 -15.97
C ASP A 189 10.93 -13.56 -15.08
N TYR A 190 9.62 -13.39 -15.30
CA TYR A 190 8.83 -12.43 -14.52
C TYR A 190 8.72 -12.76 -13.03
N TYR A 191 9.08 -13.99 -12.68
CA TYR A 191 9.02 -14.49 -11.29
C TYR A 191 10.34 -14.40 -10.53
N LYS A 192 11.41 -14.09 -11.25
CA LYS A 192 12.71 -13.93 -10.60
C LYS A 192 12.66 -12.70 -9.72
N LYS A 193 13.27 -12.79 -8.54
CA LYS A 193 13.34 -11.67 -7.62
C LYS A 193 14.74 -11.09 -7.58
N THR A 194 14.84 -9.86 -7.09
CA THR A 194 16.10 -9.18 -6.86
C THR A 194 16.54 -9.82 -5.57
N THR A 195 17.83 -9.78 -5.27
CA THR A 195 18.32 -10.45 -4.06
C THR A 195 17.65 -9.97 -2.75
N ASN A 196 17.26 -8.70 -2.74
CA ASN A 196 16.53 -8.07 -1.63
C ASN A 196 15.09 -8.63 -1.43
N GLY A 197 14.63 -9.50 -2.33
CA GLY A 197 13.29 -10.11 -2.21
C GLY A 197 12.12 -9.53 -3.02
N ARG A 198 12.33 -8.47 -3.81
CA ARG A 198 11.25 -7.87 -4.62
C ARG A 198 11.19 -8.33 -6.08
N LEU A 199 10.15 -7.90 -6.79
CA LEU A 199 9.90 -8.28 -8.18
C LEU A 199 10.06 -7.14 -9.19
N PRO A 200 11.09 -7.17 -10.04
CA PRO A 200 11.29 -6.13 -11.07
C PRO A 200 10.07 -5.79 -11.95
N VAL A 201 9.14 -6.71 -12.20
CA VAL A 201 7.97 -6.37 -13.01
C VAL A 201 7.14 -5.20 -12.45
N LYS A 202 7.35 -4.85 -11.19
CA LYS A 202 6.61 -3.77 -10.55
C LYS A 202 7.06 -2.35 -10.94
N TRP A 203 8.15 -2.25 -11.70
CA TRP A 203 8.65 -0.99 -12.23
C TRP A 203 8.40 -0.86 -13.73
N MET A 204 7.88 -1.91 -14.36
CA MET A 204 7.68 -1.95 -15.80
C MET A 204 6.35 -1.40 -16.27
N ALA A 205 6.39 -0.65 -17.36
CA ALA A 205 5.16 -0.10 -17.93
C ALA A 205 4.33 -1.27 -18.49
N PRO A 206 3.00 -1.14 -18.56
CA PRO A 206 2.13 -2.21 -19.09
C PRO A 206 2.54 -2.62 -20.50
N GLU A 207 2.82 -1.63 -21.36
CA GLU A 207 3.26 -1.94 -22.71
C GLU A 207 4.58 -2.74 -22.76
N ALA A 208 5.47 -2.51 -21.80
CA ALA A 208 6.72 -3.26 -21.70
C ALA A 208 6.45 -4.68 -21.15
N LEU A 209 5.58 -4.74 -20.15
CA LEU A 209 5.21 -5.98 -19.47
C LEU A 209 4.37 -6.98 -20.28
N PHE A 210 3.37 -6.48 -21.01
CA PHE A 210 2.44 -7.35 -21.76
C PHE A 210 2.86 -7.55 -23.21
N ASP A 211 3.34 -6.49 -23.86
CA ASP A 211 3.72 -6.53 -25.28
C ASP A 211 5.24 -6.46 -25.56
N ARG A 212 6.05 -6.45 -24.52
CA ARG A 212 7.51 -6.35 -24.66
C ARG A 212 8.00 -5.15 -25.46
N ILE A 213 7.31 -4.01 -25.35
CA ILE A 213 7.70 -2.78 -26.06
C ILE A 213 8.32 -1.78 -25.09
N TYR A 214 9.64 -1.64 -25.19
CA TYR A 214 10.42 -0.71 -24.37
C TYR A 214 10.75 0.56 -25.13
N THR A 215 10.48 1.69 -24.50
CA THR A 215 10.68 2.98 -25.12
C THR A 215 11.16 3.96 -24.06
N HIS A 216 11.50 5.18 -24.48
CA HIS A 216 11.81 6.21 -23.51
C HIS A 216 10.58 6.42 -22.60
N GLN A 217 9.37 6.32 -23.18
CA GLN A 217 8.12 6.50 -22.45
C GLN A 217 7.92 5.41 -21.35
N SER A 218 8.40 4.21 -21.59
CA SER A 218 8.25 3.16 -20.58
C SER A 218 9.31 3.40 -19.48
N ASP A 219 10.50 3.91 -19.82
CA ASP A 219 11.44 4.34 -18.81
C ASP A 219 10.83 5.45 -17.92
N VAL A 220 10.02 6.33 -18.51
CA VAL A 220 9.38 7.42 -17.76
C VAL A 220 8.38 6.87 -16.75
N TRP A 221 7.68 5.80 -17.09
CA TRP A 221 6.79 5.12 -16.17
C TRP A 221 7.59 4.52 -14.99
N SER A 222 8.72 3.89 -15.31
CA SER A 222 9.61 3.35 -14.27
C SER A 222 10.08 4.49 -13.37
N PHE A 223 10.33 5.65 -13.94
CA PHE A 223 10.76 6.80 -13.13
C PHE A 223 9.69 7.23 -12.12
N GLY A 224 8.43 7.06 -12.48
CA GLY A 224 7.31 7.34 -11.60
C GLY A 224 7.37 6.43 -10.38
N VAL A 225 7.67 5.15 -10.58
CA VAL A 225 7.78 4.19 -9.48
C VAL A 225 8.94 4.61 -8.57
N LEU A 226 10.04 5.06 -9.18
CA LEU A 226 11.22 5.52 -8.47
C LEU A 226 10.93 6.81 -7.67
N LEU A 227 10.11 7.68 -8.21
CA LEU A 227 9.69 8.87 -7.47
C LEU A 227 8.95 8.41 -6.20
N TRP A 228 8.12 7.36 -6.35
CA TRP A 228 7.34 6.82 -5.23
C TRP A 228 8.28 6.19 -4.20
N GLU A 229 9.35 5.59 -4.69
CA GLU A 229 10.37 5.03 -3.83
C GLU A 229 11.06 6.13 -3.03
N ILE A 230 11.35 7.28 -3.65
CA ILE A 230 12.05 8.35 -2.97
C ILE A 230 11.16 8.89 -1.87
N PHE A 231 9.90 9.13 -2.17
CA PHE A 231 9.01 9.75 -1.19
C PHE A 231 8.46 8.84 -0.13
N THR A 232 8.68 7.54 -0.26
CA THR A 232 8.36 6.59 0.81
C THR A 232 9.65 6.20 1.50
N LEU A 233 10.74 6.89 1.20
CA LEU A 233 12.09 6.61 1.71
C LEU A 233 12.52 5.14 1.59
N GLY A 234 12.47 4.59 0.38
CA GLY A 234 12.88 3.21 0.14
C GLY A 234 11.75 2.22 0.32
N GLY A 235 10.53 2.73 0.19
CA GLY A 235 9.35 1.89 0.29
C GLY A 235 9.31 0.88 -0.85
N SER A 236 8.61 -0.22 -0.60
CA SER A 236 8.47 -1.33 -1.52
C SER A 236 7.13 -1.24 -2.28
N PRO A 237 7.15 -1.15 -3.61
CA PRO A 237 5.88 -1.02 -4.33
C PRO A 237 5.11 -2.36 -4.30
N TYR A 238 3.81 -2.30 -4.12
CA TYR A 238 2.96 -3.49 -4.11
C TYR A 238 3.47 -4.60 -3.21
N PRO A 239 3.65 -4.35 -1.91
CA PRO A 239 4.17 -5.38 -1.01
C PRO A 239 3.17 -6.54 -0.88
N GLY A 240 3.66 -7.77 -0.98
CA GLY A 240 2.82 -8.98 -0.92
C GLY A 240 2.08 -9.38 -2.18
N VAL A 241 2.11 -8.53 -3.19
CA VAL A 241 1.44 -8.78 -4.46
C VAL A 241 2.31 -9.63 -5.39
N PRO A 242 1.85 -10.84 -5.72
CA PRO A 242 2.57 -11.71 -6.67
C PRO A 242 2.28 -11.33 -8.13
N VAL A 243 3.06 -11.90 -9.06
CA VAL A 243 2.98 -11.53 -10.48
C VAL A 243 1.59 -11.54 -11.13
N GLU A 244 0.82 -12.62 -10.97
CA GLU A 244 -0.54 -12.72 -11.55
C GLU A 244 -1.46 -11.60 -11.09
N GLU A 245 -1.32 -11.19 -9.83
CA GLU A 245 -2.16 -10.18 -9.23
C GLU A 245 -1.72 -8.81 -9.71
N LEU A 246 -0.44 -8.63 -9.93
CA LEU A 246 0.06 -7.37 -10.45
C LEU A 246 -0.56 -7.14 -11.83
N PHE A 247 -0.58 -8.16 -12.68
CA PHE A 247 -1.18 -8.04 -14.02
C PHE A 247 -2.63 -7.55 -13.93
N LYS A 248 -3.37 -8.17 -13.03
CA LYS A 248 -4.76 -7.85 -12.82
C LYS A 248 -4.86 -6.38 -12.38
N LEU A 249 -4.02 -5.93 -11.45
CA LEU A 249 -4.05 -4.52 -11.02
C LEU A 249 -3.81 -3.61 -12.21
N LEU A 250 -2.82 -3.92 -13.05
CA LEU A 250 -2.49 -3.07 -14.20
C LEU A 250 -3.61 -3.01 -15.23
N LYS A 251 -4.21 -4.16 -15.53
CA LYS A 251 -5.33 -4.23 -16.47
C LYS A 251 -6.53 -3.43 -15.96
N GLU A 252 -6.74 -3.43 -14.65
CA GLU A 252 -7.84 -2.67 -14.05
C GLU A 252 -7.54 -1.17 -13.91
N GLY A 253 -6.36 -0.71 -14.30
CA GLY A 253 -6.01 0.69 -14.23
C GLY A 253 -5.61 1.17 -12.84
N HIS A 254 -5.18 0.26 -11.99
CA HIS A 254 -4.79 0.58 -10.62
C HIS A 254 -3.52 1.40 -10.58
N ARG A 255 -3.48 2.31 -9.63
CA ARG A 255 -2.36 3.23 -9.43
C ARG A 255 -2.09 3.28 -7.90
N MET A 256 -0.80 3.30 -7.53
CA MET A 256 -0.37 3.33 -6.15
C MET A 256 -0.82 4.63 -5.51
N ASP A 257 -1.12 4.56 -4.22
CA ASP A 257 -1.58 5.74 -3.43
C ASP A 257 -0.51 6.78 -3.21
N LYS A 258 -0.95 8.02 -2.93
CA LYS A 258 -0.04 9.09 -2.67
C LYS A 258 0.69 8.80 -1.37
N PRO A 259 2.01 8.80 -1.39
CA PRO A 259 2.76 8.61 -0.15
C PRO A 259 2.49 9.76 0.82
N SER A 260 2.62 9.52 2.11
CA SER A 260 2.43 10.57 3.08
C SER A 260 3.65 11.46 3.00
N ASN A 261 3.47 12.75 3.20
CA ASN A 261 4.59 13.67 3.10
C ASN A 261 5.15 13.69 1.67
N CYS A 262 4.21 13.86 0.74
CA CYS A 262 4.47 14.00 -0.69
C CYS A 262 3.46 15.04 -1.07
N THR A 263 3.86 16.07 -1.79
CA THR A 263 2.92 17.14 -2.16
C THR A 263 1.95 16.67 -3.24
N ASN A 264 0.89 17.43 -3.45
CA ASN A 264 -0.10 17.10 -4.50
C ASN A 264 0.56 17.18 -5.86
N GLU A 265 1.46 18.15 -6.02
CA GLU A 265 2.17 18.36 -7.27
C GLU A 265 3.10 17.15 -7.60
N LEU A 266 3.82 16.64 -6.61
CA LEU A 266 4.73 15.54 -6.87
C LEU A 266 3.96 14.26 -7.10
N TYR A 267 2.81 14.10 -6.42
CA TYR A 267 1.97 12.93 -6.65
C TYR A 267 1.39 13.03 -8.10
N MET A 268 1.01 14.22 -8.52
CA MET A 268 0.52 14.42 -9.86
C MET A 268 1.60 14.12 -10.90
N MET A 269 2.85 14.41 -10.57
CA MET A 269 3.94 14.11 -11.45
C MET A 269 4.01 12.58 -11.60
N MET A 270 3.97 11.86 -10.47
CA MET A 270 4.00 10.39 -10.51
C MET A 270 2.89 9.92 -11.41
N ARG A 271 1.67 10.37 -11.15
CA ARG A 271 0.51 9.97 -11.95
C ARG A 271 0.69 10.23 -13.45
N ASP A 272 1.22 11.39 -13.80
CA ASP A 272 1.51 11.72 -15.20
C ASP A 272 2.47 10.70 -15.81
N CYS A 273 3.49 10.31 -15.05
CA CYS A 273 4.48 9.35 -15.47
C CYS A 273 3.82 7.98 -15.71
N TRP A 274 2.75 7.69 -14.96
CA TRP A 274 1.96 6.47 -15.11
C TRP A 274 0.74 6.68 -16.03
N HIS A 275 0.86 7.60 -16.99
CA HIS A 275 -0.24 7.83 -17.90
C HIS A 275 -0.52 6.52 -18.69
N ALA A 276 -1.79 6.12 -18.74
CA ALA A 276 -2.21 4.97 -19.50
C ALA A 276 -1.79 5.11 -20.98
N VAL A 277 -1.77 6.32 -21.56
CA VAL A 277 -1.34 6.48 -22.96
C VAL A 277 0.11 6.93 -22.97
N PRO A 278 1.05 6.09 -23.43
CA PRO A 278 2.47 6.46 -23.40
C PRO A 278 2.80 7.85 -23.96
N SER A 279 2.11 8.29 -25.01
CA SER A 279 2.41 9.58 -25.67
C SER A 279 2.09 10.75 -24.80
N GLN A 280 1.25 10.53 -23.80
CA GLN A 280 0.81 11.57 -22.90
C GLN A 280 1.66 11.77 -21.63
N ARG A 281 2.67 10.93 -21.42
CA ARG A 281 3.56 11.08 -20.29
C ARG A 281 4.54 12.17 -20.59
N PRO A 282 5.09 12.79 -19.55
CA PRO A 282 6.13 13.77 -19.78
C PRO A 282 7.41 13.06 -20.23
N THR A 283 8.28 13.81 -20.88
CA THR A 283 9.59 13.33 -21.25
C THR A 283 10.51 13.64 -20.08
N PHE A 284 11.72 13.08 -20.10
CA PHE A 284 12.71 13.44 -19.08
C PHE A 284 13.09 14.94 -19.18
N LYS A 285 13.13 15.50 -20.38
CA LYS A 285 13.45 16.94 -20.52
C LYS A 285 12.49 17.75 -19.67
N GLN A 286 11.20 17.54 -19.87
CA GLN A 286 10.18 18.23 -19.11
C GLN A 286 10.24 17.94 -17.60
N LEU A 287 10.50 16.69 -17.24
CA LEU A 287 10.61 16.32 -15.83
C LEU A 287 11.78 17.04 -15.18
N VAL A 288 12.88 17.22 -15.90
CA VAL A 288 14.03 17.91 -15.33
C VAL A 288 13.67 19.40 -15.03
N GLU A 289 12.94 20.04 -15.95
CA GLU A 289 12.54 21.46 -15.83
C GLU A 289 11.58 21.61 -14.67
N ASP A 290 10.61 20.70 -14.56
CA ASP A 290 9.59 20.74 -13.51
C ASP A 290 10.25 20.54 -12.14
N LEU A 291 11.09 19.50 -12.03
CA LEU A 291 11.85 19.23 -10.81
C LEU A 291 12.79 20.36 -10.43
N ASP A 292 13.43 20.99 -11.41
CA ASP A 292 14.32 22.12 -11.12
C ASP A 292 13.53 23.21 -10.38
N ARG A 293 12.39 23.57 -10.93
CA ARG A 293 11.49 24.56 -10.35
C ARG A 293 11.00 24.15 -8.95
N ILE A 294 10.58 22.89 -8.77
CA ILE A 294 10.09 22.43 -7.47
C ILE A 294 11.22 22.43 -6.44
N VAL A 295 12.43 22.06 -6.84
CA VAL A 295 13.57 22.06 -5.92
C VAL A 295 13.74 23.48 -5.37
N ALA A 296 13.71 24.47 -6.26
CA ALA A 296 13.87 25.87 -5.87
C ALA A 296 12.86 26.37 -4.84
N LEU A 297 11.63 25.85 -4.85
CA LEU A 297 10.57 26.28 -3.91
C LEU A 297 10.27 25.29 -2.77
N THR A 298 11.06 24.24 -2.63
CA THR A 298 10.83 23.25 -1.58
C THR A 298 11.67 23.60 -0.36
N SER A 299 11.06 23.45 0.80
CA SER A 299 11.69 23.78 2.07
C SER A 299 12.81 22.84 2.50
N ASN A 300 13.91 23.43 2.90
CA ASN A 300 15.07 22.76 3.49
C ASN A 300 14.80 22.58 5.00
N GLN A 301 13.77 23.29 5.43
CA GLN A 301 13.18 23.39 6.76
C GLN A 301 13.32 24.84 7.18
N GLU A 302 14.56 25.34 7.19
CA GLU A 302 14.79 26.74 7.53
C GLU A 302 14.55 27.64 6.30
N GLU B 1 -45.38 -21.97 17.63
CA GLU B 1 -44.16 -22.78 17.30
C GLU B 1 -42.84 -22.14 17.78
N LEU B 2 -42.70 -20.81 17.69
CA LEU B 2 -41.57 -20.08 18.29
C LEU B 2 -42.03 -19.48 19.64
N PRO B 3 -41.15 -19.41 20.64
CA PRO B 3 -41.51 -18.80 21.92
C PRO B 3 -41.94 -17.33 21.75
N GLU B 4 -42.93 -16.91 22.53
CA GLU B 4 -43.41 -15.53 22.53
C GLU B 4 -42.55 -14.69 23.48
N ASP B 5 -42.49 -13.39 23.21
CA ASP B 5 -41.86 -12.42 24.09
C ASP B 5 -42.65 -11.14 23.85
N PRO B 6 -43.74 -10.95 24.61
CA PRO B 6 -44.65 -9.79 24.44
C PRO B 6 -43.98 -8.42 24.54
N ARG B 7 -42.87 -8.31 25.28
CA ARG B 7 -42.14 -7.04 25.37
C ARG B 7 -41.71 -6.54 24.00
N TRP B 8 -41.28 -7.45 23.13
CA TRP B 8 -40.76 -7.08 21.79
C TRP B 8 -41.69 -7.36 20.62
N GLU B 9 -42.73 -8.15 20.83
CA GLU B 9 -43.63 -8.54 19.74
C GLU B 9 -44.39 -7.38 19.10
N LEU B 10 -44.48 -7.42 17.77
CA LEU B 10 -45.22 -6.46 16.97
C LEU B 10 -46.15 -7.23 16.05
N PRO B 11 -47.43 -6.87 16.03
CA PRO B 11 -48.39 -7.45 15.07
C PRO B 11 -47.94 -7.27 13.62
N ARG B 12 -48.15 -8.26 12.76
CA ARG B 12 -47.70 -8.21 11.35
C ARG B 12 -48.43 -7.18 10.49
N ASP B 13 -49.66 -6.85 10.87
CA ASP B 13 -50.45 -5.86 10.14
C ASP B 13 -50.00 -4.42 10.39
N ARG B 14 -49.11 -4.23 11.38
CA ARG B 14 -48.52 -2.94 11.67
C ARG B 14 -47.13 -2.82 11.02
N LEU B 15 -46.89 -3.57 9.94
CA LEU B 15 -45.58 -3.58 9.27
C LEU B 15 -45.73 -3.84 7.78
N VAL B 16 -45.31 -2.89 6.94
CA VAL B 16 -45.39 -3.04 5.49
C VAL B 16 -44.01 -3.25 4.88
N LEU B 17 -43.78 -4.42 4.28
CA LEU B 17 -42.48 -4.74 3.70
C LEU B 17 -42.24 -4.00 2.39
N GLY B 18 -40.98 -3.68 2.12
CA GLY B 18 -40.60 -2.93 0.95
C GLY B 18 -39.38 -3.51 0.27
N LYS B 19 -38.58 -2.65 -0.34
CA LYS B 19 -37.40 -3.10 -1.11
C LYS B 19 -36.25 -3.69 -0.31
N PRO B 20 -35.44 -4.52 -0.95
CA PRO B 20 -34.24 -5.07 -0.29
C PRO B 20 -33.23 -3.99 0.08
N LEU B 21 -32.46 -4.22 1.14
CA LEU B 21 -31.43 -3.30 1.63
C LEU B 21 -30.09 -4.01 1.76
N GLY B 22 -29.01 -3.28 1.52
CA GLY B 22 -27.66 -3.80 1.70
C GLY B 22 -27.08 -4.76 0.67
N GLU B 23 -27.78 -4.97 -0.44
CA GLU B 23 -27.31 -5.82 -1.53
C GLU B 23 -26.96 -7.25 -1.10
N GLY B 24 -27.69 -7.79 -0.14
CA GLY B 24 -27.50 -9.14 0.35
C GLY B 24 -26.36 -9.34 1.34
N ALA B 25 -25.59 -8.28 1.64
CA ALA B 25 -24.44 -8.35 2.53
C ALA B 25 -24.79 -8.69 3.98
N PHE B 26 -25.98 -8.31 4.43
CA PHE B 26 -26.45 -8.62 5.78
C PHE B 26 -27.54 -9.69 5.76
N GLY B 27 -27.65 -10.39 4.62
CA GLY B 27 -28.67 -11.40 4.40
C GLY B 27 -29.92 -10.78 3.77
N GLN B 28 -31.03 -11.47 3.97
CA GLN B 28 -32.31 -11.01 3.46
C GLN B 28 -32.84 -9.93 4.39
N VAL B 29 -32.60 -8.70 3.99
CA VAL B 29 -33.03 -7.57 4.76
C VAL B 29 -33.80 -6.64 3.84
N VAL B 30 -34.96 -6.19 4.29
CA VAL B 30 -35.78 -5.26 3.50
C VAL B 30 -36.13 -4.01 4.29
N LEU B 31 -36.34 -2.90 3.61
CA LEU B 31 -36.82 -1.68 4.24
C LEU B 31 -38.28 -1.93 4.56
N ALA B 32 -38.80 -1.28 5.60
CA ALA B 32 -40.18 -1.44 5.98
C ALA B 32 -40.67 -0.21 6.70
N GLU B 33 -41.99 -0.04 6.72
CA GLU B 33 -42.66 1.02 7.47
C GLU B 33 -43.36 0.36 8.62
N ALA B 34 -43.03 0.77 9.84
CA ALA B 34 -43.67 0.23 11.04
C ALA B 34 -44.63 1.27 11.59
N ILE B 35 -45.75 0.81 12.15
CA ILE B 35 -46.78 1.67 12.72
C ILE B 35 -46.90 1.31 14.21
N GLY B 36 -46.44 2.21 15.09
CA GLY B 36 -46.50 1.93 16.52
C GLY B 36 -45.14 2.03 17.18
N LEU B 37 -44.49 0.88 17.34
CA LEU B 37 -43.16 0.75 17.95
C LEU B 37 -43.22 1.22 19.40
N ASP B 38 -43.30 2.55 19.58
CA ASP B 38 -43.56 3.18 20.87
C ASP B 38 -45.09 3.32 20.90
N LYS B 39 -45.74 2.64 21.84
CA LYS B 39 -47.22 2.60 21.94
C LYS B 39 -47.93 3.89 22.43
N ASP B 40 -47.19 4.99 22.61
CA ASP B 40 -47.78 6.26 23.05
C ASP B 40 -48.18 7.14 21.86
N LYS B 41 -47.83 6.71 20.66
CA LYS B 41 -48.22 7.37 19.41
C LYS B 41 -48.39 6.28 18.35
N PRO B 42 -49.40 5.41 18.55
CA PRO B 42 -49.64 4.28 17.63
C PRO B 42 -49.94 4.60 16.16
N ASN B 43 -49.82 5.86 15.73
CA ASN B 43 -50.06 6.21 14.32
C ASN B 43 -48.83 6.80 13.59
N ARG B 44 -47.71 6.94 14.31
CA ARG B 44 -46.47 7.43 13.72
C ARG B 44 -45.81 6.28 12.95
N VAL B 45 -45.39 6.52 11.70
CA VAL B 45 -44.71 5.48 10.93
C VAL B 45 -43.19 5.72 10.90
N THR B 46 -42.43 4.68 11.27
CA THR B 46 -40.97 4.71 11.31
C THR B 46 -40.36 3.87 10.20
N LYS B 47 -39.44 4.44 9.44
CA LYS B 47 -38.71 3.64 8.46
C LYS B 47 -37.75 2.76 9.28
N VAL B 48 -37.81 1.46 9.03
CA VAL B 48 -37.00 0.49 9.76
C VAL B 48 -36.47 -0.56 8.79
N ALA B 49 -35.57 -1.40 9.27
CA ALA B 49 -34.99 -2.52 8.50
C ALA B 49 -35.49 -3.81 9.11
N VAL B 50 -35.76 -4.80 8.27
CA VAL B 50 -36.34 -6.05 8.72
C VAL B 50 -35.55 -7.21 8.17
N LYS B 51 -35.00 -8.03 9.06
CA LYS B 51 -34.21 -9.18 8.69
C LYS B 51 -35.02 -10.43 8.89
N MET B 52 -34.93 -11.33 7.92
CA MET B 52 -35.70 -12.57 7.93
C MET B 52 -34.87 -13.66 7.25
N LEU B 53 -35.29 -14.90 7.39
CA LEU B 53 -34.62 -16.00 6.71
C LEU B 53 -34.91 -15.96 5.22
N LYS B 54 -34.05 -16.62 4.45
CA LYS B 54 -34.22 -16.77 3.01
C LYS B 54 -35.11 -18.00 2.80
N SER B 55 -35.73 -18.13 1.61
CA SER B 55 -36.60 -19.29 1.31
C SER B 55 -35.98 -20.68 1.52
N ASP B 56 -34.72 -20.90 1.09
CA ASP B 56 -34.04 -22.23 1.24
C ASP B 56 -33.23 -22.24 2.54
N ALA B 57 -33.83 -21.74 3.62
CA ALA B 57 -33.14 -21.71 4.90
C ALA B 57 -33.39 -23.00 5.64
N THR B 58 -32.46 -23.39 6.49
CA THR B 58 -32.58 -24.61 7.27
C THR B 58 -32.91 -24.27 8.71
N GLU B 59 -33.08 -25.31 9.52
CA GLU B 59 -33.38 -25.19 10.95
C GLU B 59 -32.25 -24.49 11.70
N LYS B 60 -31.03 -24.65 11.20
CA LYS B 60 -29.85 -24.04 11.80
C LYS B 60 -29.82 -22.54 11.47
N ASP B 61 -30.23 -22.16 10.27
CA ASP B 61 -30.31 -20.74 9.91
C ASP B 61 -31.31 -20.01 10.85
N LEU B 62 -32.39 -20.71 11.21
CA LEU B 62 -33.41 -20.16 12.08
C LEU B 62 -32.86 -19.98 13.48
N SER B 63 -32.19 -21.00 14.04
CA SER B 63 -31.59 -20.91 15.38
C SER B 63 -30.64 -19.73 15.48
N ASP B 64 -29.86 -19.54 14.41
CA ASP B 64 -28.89 -18.47 14.27
C ASP B 64 -29.56 -17.10 14.31
N LEU B 65 -30.61 -16.90 13.52
CA LEU B 65 -31.34 -15.63 13.50
C LEU B 65 -31.98 -15.37 14.86
N ILE B 66 -32.50 -16.41 15.47
CA ILE B 66 -33.06 -16.30 16.80
C ILE B 66 -31.96 -15.89 17.78
N SER B 67 -30.79 -16.55 17.73
CA SER B 67 -29.66 -16.22 18.63
C SER B 67 -29.23 -14.79 18.45
N GLU B 68 -29.34 -14.31 17.22
CA GLU B 68 -28.97 -12.95 16.89
C GLU B 68 -29.88 -11.99 17.62
N MET B 69 -31.18 -12.26 17.57
CA MET B 69 -32.19 -11.46 18.22
C MET B 69 -32.05 -11.49 19.75
N GLU B 70 -31.84 -12.67 20.34
CA GLU B 70 -31.74 -12.79 21.79
C GLU B 70 -30.51 -12.04 22.29
N MET B 71 -29.47 -12.06 21.48
CA MET B 71 -28.24 -11.35 21.81
C MET B 71 -28.48 -9.85 21.85
N MET B 72 -29.20 -9.34 20.86
CA MET B 72 -29.49 -7.90 20.80
C MET B 72 -30.34 -7.45 22.02
N LYS B 73 -31.26 -8.31 22.46
CA LYS B 73 -32.06 -8.03 23.65
C LYS B 73 -31.15 -7.92 24.90
N MET B 74 -30.20 -8.85 25.05
CA MET B 74 -29.30 -8.88 26.21
C MET B 74 -28.32 -7.69 26.27
N ILE B 75 -27.81 -7.30 25.10
CA ILE B 75 -26.80 -6.27 24.96
C ILE B 75 -27.34 -4.86 25.28
N GLY B 76 -28.59 -4.60 24.92
CA GLY B 76 -29.22 -3.32 25.19
C GLY B 76 -28.95 -2.25 24.17
N LYS B 77 -29.41 -1.03 24.46
CA LYS B 77 -29.32 0.10 23.55
C LYS B 77 -28.07 0.94 23.68
N HIS B 78 -27.63 1.46 22.52
CA HIS B 78 -26.55 2.43 22.43
C HIS B 78 -26.69 3.16 21.09
N LYS B 79 -26.54 4.49 21.13
CA LYS B 79 -26.68 5.35 19.97
C LYS B 79 -25.80 4.95 18.78
N ASN B 80 -24.69 4.26 19.06
CA ASN B 80 -23.75 3.87 18.03
C ASN B 80 -23.71 2.39 17.67
N ILE B 81 -24.82 1.69 17.90
CA ILE B 81 -25.00 0.33 17.38
C ILE B 81 -26.38 0.31 16.73
N ILE B 82 -26.58 -0.65 15.83
CA ILE B 82 -27.87 -0.85 15.20
C ILE B 82 -28.71 -1.53 16.27
N ASN B 83 -29.77 -0.85 16.72
CA ASN B 83 -30.64 -1.36 17.78
C ASN B 83 -31.84 -2.22 17.35
N LEU B 84 -32.20 -3.15 18.22
CA LEU B 84 -33.39 -3.97 18.05
C LEU B 84 -34.56 -3.09 18.46
N LEU B 85 -35.59 -3.05 17.60
CA LEU B 85 -36.82 -2.32 17.83
C LEU B 85 -38.04 -3.23 17.99
N GLY B 86 -37.96 -4.48 17.57
CA GLY B 86 -39.11 -5.36 17.72
C GLY B 86 -38.96 -6.66 16.93
N ALA B 87 -40.00 -7.47 16.96
CA ALA B 87 -39.95 -8.72 16.22
C ALA B 87 -41.34 -9.31 15.97
N CYS B 88 -41.51 -9.93 14.81
CA CYS B 88 -42.70 -10.71 14.52
C CYS B 88 -42.22 -12.15 14.60
N THR B 89 -42.62 -12.87 15.64
CA THR B 89 -42.19 -14.25 15.86
C THR B 89 -43.31 -15.29 15.76
N GLN B 90 -44.54 -14.83 15.84
CA GLN B 90 -45.72 -15.67 15.88
C GLN B 90 -46.46 -15.75 14.54
N ASP B 91 -47.05 -16.91 14.24
CA ASP B 91 -47.92 -17.09 13.06
C ASP B 91 -47.33 -16.56 11.78
N GLY B 92 -46.10 -16.94 11.50
CA GLY B 92 -45.41 -16.51 10.31
C GLY B 92 -43.92 -16.52 10.44
N PRO B 93 -43.24 -16.13 9.37
CA PRO B 93 -41.77 -16.10 9.38
C PRO B 93 -41.27 -15.06 10.37
N LEU B 94 -40.10 -15.34 10.93
CA LEU B 94 -39.48 -14.46 11.92
C LEU B 94 -38.93 -13.18 11.26
N TYR B 95 -39.38 -12.07 11.76
CA TYR B 95 -38.91 -10.77 11.37
C TYR B 95 -38.22 -10.15 12.57
N VAL B 96 -36.96 -9.74 12.42
CA VAL B 96 -36.19 -9.04 13.45
C VAL B 96 -36.16 -7.61 12.94
N ILE B 97 -36.83 -6.71 13.65
CA ILE B 97 -36.94 -5.30 13.19
C ILE B 97 -35.86 -4.46 13.84
N VAL B 98 -34.93 -3.92 13.06
CA VAL B 98 -33.87 -3.07 13.61
C VAL B 98 -33.88 -1.65 13.01
N GLU B 99 -33.04 -0.77 13.57
CA GLU B 99 -32.91 0.61 13.08
C GLU B 99 -32.44 0.66 11.61
N TYR B 100 -32.99 1.59 10.84
CA TYR B 100 -32.67 1.78 9.42
C TYR B 100 -31.57 2.84 9.29
N ALA B 101 -30.63 2.58 8.39
CA ALA B 101 -29.52 3.47 8.13
C ALA B 101 -29.58 3.87 6.65
N SER B 102 -30.21 4.99 6.37
CA SER B 102 -30.44 5.45 4.99
C SER B 102 -29.21 5.80 4.16
N LYS B 103 -28.06 6.03 4.78
CA LYS B 103 -26.84 6.37 4.05
C LYS B 103 -25.84 5.22 3.82
N GLY B 104 -26.28 3.98 4.00
CA GLY B 104 -25.47 2.80 3.70
C GLY B 104 -24.31 2.49 4.64
N ASN B 105 -23.41 1.61 4.22
CA ASN B 105 -22.25 1.26 5.03
C ASN B 105 -21.23 2.38 4.94
N LEU B 106 -20.28 2.41 5.87
CA LEU B 106 -19.30 3.52 5.98
C LEU B 106 -18.31 3.57 4.81
N ARG B 107 -18.00 2.41 4.24
CA ARG B 107 -17.14 2.34 3.07
C ARG B 107 -17.77 3.11 1.91
N GLU B 108 -19.01 2.77 1.59
CA GLU B 108 -19.75 3.44 0.53
C GLU B 108 -19.92 4.95 0.83
N TYR B 109 -20.20 5.28 2.09
CA TYR B 109 -20.41 6.66 2.55
C TYR B 109 -19.15 7.53 2.34
N LEU B 110 -17.99 7.02 2.73
CA LEU B 110 -16.75 7.77 2.57
C LEU B 110 -16.39 7.89 1.09
N GLN B 111 -16.49 6.77 0.38
CA GLN B 111 -16.19 6.71 -1.05
C GLN B 111 -17.00 7.71 -1.87
N ALA B 112 -18.30 7.82 -1.59
CA ALA B 112 -19.17 8.75 -2.32
C ALA B 112 -18.86 10.17 -1.93
N ARG B 113 -18.04 10.36 -0.92
CA ARG B 113 -17.72 11.71 -0.48
C ARG B 113 -16.26 12.13 -0.67
N ARG B 114 -15.58 11.48 -1.62
CA ARG B 114 -14.20 11.89 -1.94
C ARG B 114 -14.20 13.16 -2.79
N PRO B 115 -13.16 13.98 -2.65
CA PRO B 115 -13.02 15.18 -3.48
C PRO B 115 -12.72 14.81 -4.94
N PRO B 116 -12.82 15.78 -5.86
CA PRO B 116 -12.59 15.58 -7.31
C PRO B 116 -11.58 14.50 -7.75
N GLU B 129 -21.91 13.20 -2.40
CA GLU B 129 -21.23 14.36 -2.97
C GLU B 129 -20.66 15.28 -1.86
N GLU B 130 -21.45 15.54 -0.82
CA GLU B 130 -21.07 16.38 0.34
C GLU B 130 -19.74 15.95 0.99
N GLN B 131 -18.77 16.87 1.05
CA GLN B 131 -17.40 16.54 1.52
C GLN B 131 -17.16 16.61 3.04
N LEU B 132 -16.46 15.60 3.54
CA LEU B 132 -16.14 15.52 4.97
C LEU B 132 -14.86 16.27 5.27
N SER B 133 -14.86 16.94 6.42
CA SER B 133 -13.70 17.67 6.92
C SER B 133 -12.81 16.74 7.73
N SER B 134 -11.74 17.28 8.30
CA SER B 134 -10.83 16.50 9.14
C SER B 134 -11.56 16.14 10.43
N LYS B 135 -12.36 17.06 10.95
CA LYS B 135 -13.10 16.84 12.19
C LYS B 135 -14.13 15.71 11.99
N ASP B 136 -14.90 15.80 10.91
CA ASP B 136 -15.90 14.78 10.58
C ASP B 136 -15.31 13.37 10.60
N LEU B 137 -14.15 13.21 9.97
CA LEU B 137 -13.49 11.91 9.87
C LEU B 137 -13.04 11.36 11.23
N VAL B 138 -12.42 12.20 12.07
CA VAL B 138 -12.02 11.80 13.41
C VAL B 138 -13.29 11.53 14.26
N SER B 139 -14.32 12.35 14.04
CA SER B 139 -15.56 12.23 14.76
C SER B 139 -16.22 10.87 14.44
N CYS B 140 -16.09 10.45 13.17
CA CYS B 140 -16.60 9.16 12.74
C CYS B 140 -15.84 8.00 13.44
N ALA B 141 -14.53 8.15 13.60
CA ALA B 141 -13.75 7.14 14.31
C ALA B 141 -14.13 7.11 15.77
N TYR B 142 -14.47 8.26 16.32
CA TYR B 142 -14.90 8.41 17.71
C TYR B 142 -16.23 7.69 17.96
N GLN B 143 -17.18 7.83 17.05
CA GLN B 143 -18.50 7.22 17.20
C GLN B 143 -18.36 5.68 17.12
N VAL B 144 -17.51 5.22 16.23
CA VAL B 144 -17.30 3.79 16.09
C VAL B 144 -16.66 3.17 17.35
N ALA B 145 -15.60 3.79 17.87
CA ALA B 145 -14.94 3.28 19.08
C ALA B 145 -15.87 3.32 20.29
N ARG B 146 -16.76 4.30 20.34
CA ARG B 146 -17.77 4.39 21.38
C ARG B 146 -18.74 3.21 21.34
N GLY B 147 -19.17 2.86 20.13
CA GLY B 147 -20.10 1.77 19.93
C GLY B 147 -19.41 0.47 20.34
N MET B 148 -18.12 0.39 20.07
CA MET B 148 -17.31 -0.78 20.39
C MET B 148 -16.96 -0.86 21.86
N GLU B 149 -16.81 0.31 22.52
CA GLU B 149 -16.54 0.38 23.96
C GLU B 149 -17.79 -0.12 24.66
N TYR B 150 -18.96 0.33 24.18
CA TYR B 150 -20.25 -0.14 24.71
C TYR B 150 -20.37 -1.67 24.55
N LEU B 151 -20.21 -2.17 23.35
CA LEU B 151 -20.33 -3.62 23.08
C LEU B 151 -19.38 -4.46 23.93
N ALA B 152 -18.13 -4.06 23.96
CA ALA B 152 -17.12 -4.69 24.79
C ALA B 152 -17.53 -4.72 26.28
N SER B 153 -18.14 -3.66 26.78
CA SER B 153 -18.58 -3.61 28.18
C SER B 153 -19.79 -4.52 28.42
N LYS B 154 -20.44 -4.94 27.34
CA LYS B 154 -21.55 -5.89 27.39
C LYS B 154 -21.05 -7.24 26.93
N LYS B 155 -19.75 -7.49 27.04
CA LYS B 155 -19.13 -8.79 26.70
C LYS B 155 -19.23 -9.26 25.22
N CYS B 156 -19.55 -8.35 24.33
CA CYS B 156 -19.67 -8.72 22.94
C CYS B 156 -18.36 -8.50 22.16
N ILE B 157 -17.85 -9.57 21.54
CA ILE B 157 -16.69 -9.51 20.66
C ILE B 157 -17.26 -9.56 19.24
N HIS B 158 -16.97 -8.56 18.42
CA HIS B 158 -17.55 -8.51 17.08
C HIS B 158 -17.00 -9.58 16.13
N ARG B 159 -15.67 -9.65 16.01
CA ARG B 159 -14.96 -10.60 15.14
C ARG B 159 -14.78 -10.15 13.67
N ASP B 160 -15.74 -9.42 13.11
CA ASP B 160 -15.56 -8.83 11.77
C ASP B 160 -15.78 -7.31 11.75
N LEU B 161 -15.17 -6.61 12.68
CA LEU B 161 -15.31 -5.14 12.67
C LEU B 161 -14.59 -4.59 11.44
N ALA B 162 -15.33 -3.84 10.65
CA ALA B 162 -14.82 -3.25 9.42
C ALA B 162 -15.79 -2.14 9.03
N ALA B 163 -15.35 -1.26 8.12
CA ALA B 163 -16.19 -0.18 7.62
C ALA B 163 -17.43 -0.75 6.95
N ARG B 164 -17.33 -1.94 6.37
CA ARG B 164 -18.50 -2.60 5.77
C ARG B 164 -19.60 -2.93 6.78
N ASN B 165 -19.22 -3.11 8.06
CA ASN B 165 -20.14 -3.43 9.14
C ASN B 165 -20.46 -2.25 10.07
N VAL B 166 -20.39 -1.05 9.54
CA VAL B 166 -20.78 0.16 10.23
C VAL B 166 -21.73 0.89 9.28
N LEU B 167 -22.96 1.10 9.73
CA LEU B 167 -23.97 1.78 8.93
C LEU B 167 -24.05 3.23 9.40
N VAL B 168 -24.53 4.10 8.51
CA VAL B 168 -24.63 5.54 8.77
C VAL B 168 -26.07 5.93 8.53
N THR B 169 -26.70 6.49 9.54
CA THR B 169 -28.08 6.97 9.44
C THR B 169 -28.18 8.30 8.70
N GLU B 170 -29.41 8.78 8.58
CA GLU B 170 -29.75 10.06 7.93
C GLU B 170 -29.10 11.25 8.64
N ASP B 171 -29.02 11.21 9.97
CA ASP B 171 -28.37 12.27 10.74
C ASP B 171 -26.86 12.02 10.90
N ASN B 172 -26.29 11.19 10.03
CA ASN B 172 -24.85 10.91 10.03
C ASN B 172 -24.28 10.25 11.27
N VAL B 173 -25.10 9.44 11.92
CA VAL B 173 -24.68 8.73 13.11
C VAL B 173 -24.11 7.36 12.72
N MET B 174 -22.93 7.05 13.24
CA MET B 174 -22.29 5.78 12.97
C MET B 174 -22.91 4.74 13.89
N LYS B 175 -23.25 3.57 13.32
CA LYS B 175 -23.85 2.48 14.07
C LYS B 175 -23.26 1.16 13.61
N ILE B 176 -22.65 0.46 14.56
CA ILE B 176 -22.07 -0.85 14.30
C ILE B 176 -23.17 -1.86 14.03
N ALA B 177 -22.99 -2.63 12.97
CA ALA B 177 -23.97 -3.61 12.54
C ALA B 177 -23.38 -5.01 12.71
N ASP B 178 -24.27 -5.99 12.73
CA ASP B 178 -23.89 -7.40 12.79
C ASP B 178 -22.95 -7.76 13.94
N PHE B 179 -23.25 -7.26 15.13
CA PHE B 179 -22.41 -7.51 16.30
C PHE B 179 -22.81 -8.78 17.06
N GLY B 180 -24.00 -9.31 16.77
CA GLY B 180 -24.48 -10.48 17.49
C GLY B 180 -24.64 -11.74 16.67
N LEU B 181 -23.92 -11.86 15.56
CA LEU B 181 -24.02 -13.03 14.68
C LEU B 181 -23.55 -14.29 15.39
N ALA B 182 -24.15 -15.43 15.02
CA ALA B 182 -23.78 -16.72 15.59
C ALA B 182 -23.03 -17.51 14.53
N ARG B 183 -21.83 -17.05 14.21
CA ARG B 183 -20.98 -17.75 13.24
C ARG B 183 -20.08 -18.77 13.98
N ASP B 184 -19.27 -19.51 13.23
CA ASP B 184 -18.40 -20.54 13.81
C ASP B 184 -16.95 -20.34 13.33
N ILE B 185 -16.02 -20.40 14.27
CA ILE B 185 -14.59 -20.23 13.98
C ILE B 185 -13.90 -21.52 13.46
N HIS B 186 -14.28 -22.66 14.04
CA HIS B 186 -13.76 -23.98 13.65
C HIS B 186 -13.93 -24.26 12.15
N HIS B 187 -14.98 -23.69 11.56
CA HIS B 187 -15.30 -23.87 10.16
C HIS B 187 -15.37 -22.48 9.49
N ILE B 188 -14.19 -21.86 9.33
CA ILE B 188 -14.06 -20.49 8.78
C ILE B 188 -13.36 -20.50 7.42
N ASP B 189 -13.79 -19.61 6.53
CA ASP B 189 -13.27 -19.58 5.16
C ASP B 189 -12.38 -18.38 4.87
N TYR B 190 -11.07 -18.60 4.89
CA TYR B 190 -10.10 -17.55 4.63
C TYR B 190 -10.20 -16.95 3.22
N TYR B 191 -10.55 -17.80 2.25
CA TYR B 191 -10.59 -17.41 0.84
C TYR B 191 -11.90 -16.75 0.38
N LYS B 192 -12.95 -16.86 1.18
CA LYS B 192 -14.27 -16.28 0.85
C LYS B 192 -14.22 -14.76 0.81
N LYS B 193 -14.63 -14.18 -0.32
CA LYS B 193 -14.65 -12.73 -0.52
C LYS B 193 -15.98 -12.07 -0.14
N THR B 194 -15.95 -10.75 0.07
CA THR B 194 -17.15 -9.98 0.40
C THR B 194 -17.85 -9.75 -0.91
N THR B 195 -19.15 -9.41 -0.85
CA THR B 195 -19.94 -9.11 -2.06
C THR B 195 -19.40 -7.86 -2.80
N ASN B 196 -18.33 -7.30 -2.25
CA ASN B 196 -17.63 -6.14 -2.83
C ASN B 196 -16.40 -6.60 -3.60
N GLY B 197 -15.79 -7.70 -3.16
CA GLY B 197 -14.59 -8.25 -3.80
C GLY B 197 -13.33 -8.26 -2.95
N ARG B 198 -13.44 -8.00 -1.65
CA ARG B 198 -12.31 -7.94 -0.73
C ARG B 198 -12.24 -9.16 0.21
N LEU B 199 -11.10 -9.36 0.86
CA LEU B 199 -10.90 -10.51 1.76
C LEU B 199 -10.95 -10.13 3.25
N PRO B 200 -11.98 -10.58 3.97
CA PRO B 200 -12.13 -10.30 5.41
C PRO B 200 -10.91 -10.57 6.32
N VAL B 201 -10.04 -11.54 6.01
CA VAL B 201 -8.85 -11.82 6.81
C VAL B 201 -7.90 -10.61 6.99
N LYS B 202 -8.07 -9.61 6.12
CA LYS B 202 -7.21 -8.42 6.15
C LYS B 202 -7.56 -7.49 7.29
N TRP B 203 -8.64 -7.78 8.02
CA TRP B 203 -9.00 -6.98 9.20
C TRP B 203 -8.70 -7.74 10.50
N MET B 204 -8.37 -9.03 10.38
CA MET B 204 -8.14 -9.90 11.51
C MET B 204 -6.77 -9.83 12.18
N ALA B 205 -6.78 -9.86 13.51
CA ALA B 205 -5.56 -9.84 14.31
C ALA B 205 -4.76 -11.10 14.09
N PRO B 206 -3.44 -11.02 14.21
CA PRO B 206 -2.61 -12.21 14.00
C PRO B 206 -2.98 -13.34 14.96
N GLU B 207 -3.20 -13.03 16.23
CA GLU B 207 -3.60 -14.09 17.17
C GLU B 207 -4.91 -14.78 16.76
N ALA B 208 -5.84 -14.04 16.16
CA ALA B 208 -7.12 -14.62 15.70
C ALA B 208 -6.97 -15.46 14.45
N LEU B 209 -6.08 -15.06 13.56
CA LEU B 209 -5.87 -15.77 12.28
C LEU B 209 -5.11 -17.09 12.45
N PHE B 210 -4.02 -17.04 13.21
CA PHE B 210 -3.13 -18.18 13.41
C PHE B 210 -3.55 -19.11 14.57
N ASP B 211 -3.80 -18.51 15.75
CA ASP B 211 -4.14 -19.22 17.00
C ASP B 211 -5.62 -19.24 17.39
N ARG B 212 -6.49 -18.66 16.55
CA ARG B 212 -7.94 -18.59 16.78
C ARG B 212 -8.32 -18.03 18.16
N ILE B 213 -7.62 -16.98 18.56
CA ILE B 213 -7.87 -16.29 19.81
C ILE B 213 -8.69 -15.04 19.45
N TYR B 214 -9.88 -14.96 20.04
CA TYR B 214 -10.80 -13.88 19.78
C TYR B 214 -11.15 -13.15 21.08
N THR B 215 -10.65 -11.92 21.19
CA THR B 215 -10.88 -11.09 22.34
C THR B 215 -11.31 -9.68 21.93
N HIS B 216 -11.48 -8.80 22.90
CA HIS B 216 -11.80 -7.41 22.58
C HIS B 216 -10.57 -6.70 22.05
N GLN B 217 -9.38 -7.23 22.39
CA GLN B 217 -8.13 -6.67 21.88
C GLN B 217 -7.93 -7.10 20.45
N SER B 218 -8.42 -8.26 20.06
CA SER B 218 -8.36 -8.64 18.65
C SER B 218 -9.28 -7.72 17.83
N ASP B 219 -10.41 -7.31 18.41
CA ASP B 219 -11.29 -6.32 17.76
C ASP B 219 -10.57 -4.98 17.67
N VAL B 220 -9.67 -4.70 18.61
CA VAL B 220 -8.96 -3.42 18.61
C VAL B 220 -8.05 -3.35 17.36
N TRP B 221 -7.47 -4.49 16.98
CA TRP B 221 -6.63 -4.57 15.79
C TRP B 221 -7.48 -4.28 14.55
N SER B 222 -8.70 -4.83 14.53
CA SER B 222 -9.63 -4.60 13.44
C SER B 222 -9.95 -3.11 13.37
N PHE B 223 -10.12 -2.48 14.54
CA PHE B 223 -10.42 -1.05 14.59
C PHE B 223 -9.28 -0.20 13.96
N GLY B 224 -8.04 -0.69 14.08
CA GLY B 224 -6.88 -0.06 13.49
C GLY B 224 -7.01 0.06 11.97
N VAL B 225 -7.42 -1.06 11.37
CA VAL B 225 -7.62 -1.15 9.94
C VAL B 225 -8.76 -0.28 9.56
N LEU B 226 -9.80 -0.27 10.38
CA LEU B 226 -10.98 0.55 10.10
C LEU B 226 -10.58 2.03 10.10
N LEU B 227 -9.69 2.43 11.01
CA LEU B 227 -9.18 3.81 11.08
C LEU B 227 -8.48 4.13 9.77
N TRP B 228 -7.71 3.17 9.28
CA TRP B 228 -7.02 3.26 8.02
C TRP B 228 -8.07 3.41 6.89
N GLU B 229 -9.14 2.62 6.91
CA GLU B 229 -10.20 2.76 5.92
C GLU B 229 -10.81 4.17 5.96
N ILE B 230 -10.99 4.71 7.16
CA ILE B 230 -11.58 6.03 7.30
C ILE B 230 -10.71 7.10 6.66
N PHE B 231 -9.41 7.04 6.92
CA PHE B 231 -8.50 8.08 6.46
C PHE B 231 -7.99 7.95 5.03
N THR B 232 -8.36 6.86 4.36
CA THR B 232 -8.13 6.71 2.94
C THR B 232 -9.49 6.83 2.26
N LEU B 233 -10.50 7.26 3.02
CA LEU B 233 -11.87 7.43 2.53
C LEU B 233 -12.37 6.19 1.75
N GLY B 234 -12.34 5.03 2.41
CA GLY B 234 -12.85 3.79 1.83
C GLY B 234 -11.81 3.02 1.04
N GLY B 235 -10.54 3.22 1.35
CA GLY B 235 -9.48 2.50 0.69
C GLY B 235 -9.55 1.01 0.95
N SER B 236 -8.98 0.25 0.04
CA SER B 236 -8.93 -1.21 0.10
C SER B 236 -7.60 -1.67 0.72
N PRO B 237 -7.62 -2.37 1.85
CA PRO B 237 -6.37 -2.83 2.45
C PRO B 237 -5.67 -3.89 1.62
N TYR B 238 -4.36 -3.75 1.48
CA TYR B 238 -3.52 -4.72 0.77
C TYR B 238 -4.10 -5.07 -0.61
N PRO B 239 -4.21 -4.08 -1.51
CA PRO B 239 -4.82 -4.32 -2.82
C PRO B 239 -3.97 -5.31 -3.62
N GLY B 240 -4.62 -6.31 -4.21
CA GLY B 240 -3.96 -7.33 -4.99
C GLY B 240 -3.22 -8.40 -4.16
N VAL B 241 -3.36 -8.39 -2.84
CA VAL B 241 -2.62 -9.36 -2.01
C VAL B 241 -3.48 -10.57 -1.65
N PRO B 242 -3.11 -11.77 -2.06
CA PRO B 242 -3.92 -12.96 -1.73
C PRO B 242 -3.65 -13.45 -0.30
N VAL B 243 -4.47 -14.38 0.16
CA VAL B 243 -4.39 -14.85 1.55
C VAL B 243 -3.01 -15.34 1.96
N GLU B 244 -2.43 -16.21 1.16
CA GLU B 244 -1.15 -16.82 1.48
C GLU B 244 -0.01 -15.79 1.60
N GLU B 245 -0.09 -14.71 0.82
CA GLU B 245 0.90 -13.63 0.91
C GLU B 245 0.67 -12.77 2.13
N LEU B 246 -0.61 -12.58 2.47
CA LEU B 246 -0.98 -11.83 3.68
C LEU B 246 -0.38 -12.48 4.93
N PHE B 247 -0.51 -13.80 5.07
CA PHE B 247 0.08 -14.50 6.22
C PHE B 247 1.55 -14.20 6.24
N LYS B 248 2.18 -14.22 5.05
CA LYS B 248 3.60 -13.91 4.93
C LYS B 248 3.92 -12.53 5.49
N LEU B 249 3.12 -11.52 5.10
CA LEU B 249 3.33 -10.14 5.57
C LEU B 249 3.14 -9.98 7.08
N LEU B 250 2.19 -10.69 7.65
CA LEU B 250 1.93 -10.58 9.07
C LEU B 250 3.09 -11.21 9.84
N LYS B 251 3.60 -12.32 9.33
CA LYS B 251 4.74 -13.00 9.94
C LYS B 251 6.00 -12.11 9.95
N GLU B 252 6.17 -11.29 8.91
CA GLU B 252 7.32 -10.39 8.77
C GLU B 252 7.13 -9.09 9.54
N GLY B 253 5.98 -8.94 10.19
CA GLY B 253 5.71 -7.73 10.95
C GLY B 253 5.40 -6.54 10.08
N HIS B 254 4.89 -6.81 8.87
CA HIS B 254 4.53 -5.76 7.94
C HIS B 254 3.35 -4.99 8.47
N ARG B 255 3.40 -3.67 8.26
CA ARG B 255 2.38 -2.74 8.71
C ARG B 255 2.08 -1.76 7.54
N MET B 256 0.80 -1.54 7.25
CA MET B 256 0.38 -0.69 6.15
C MET B 256 1.00 0.67 6.37
N ASP B 257 1.29 1.34 5.25
CA ASP B 257 1.94 2.66 5.28
C ASP B 257 0.91 3.71 5.71
N LYS B 258 1.41 4.81 6.24
CA LYS B 258 0.58 5.91 6.70
C LYS B 258 -0.09 6.59 5.52
N PRO B 259 -1.41 6.73 5.56
CA PRO B 259 -2.11 7.36 4.44
C PRO B 259 -1.80 8.84 4.45
N SER B 260 -1.85 9.46 3.27
CA SER B 260 -1.62 10.89 3.17
C SER B 260 -2.87 11.50 3.75
N ASN B 261 -2.78 12.69 4.33
CA ASN B 261 -3.93 13.33 4.98
C ASN B 261 -4.37 12.53 6.22
N CYS B 262 -3.36 12.27 7.03
CA CYS B 262 -3.47 11.58 8.28
C CYS B 262 -2.33 12.13 9.12
N THR B 263 -2.64 12.53 10.36
CA THR B 263 -1.62 13.09 11.25
C THR B 263 -0.73 11.99 11.80
N ASN B 264 0.49 12.35 12.22
CA ASN B 264 1.40 11.38 12.82
C ASN B 264 0.71 10.68 13.99
N GLU B 265 -0.08 11.45 14.74
CA GLU B 265 -0.83 10.98 15.91
C GLU B 265 -1.80 9.84 15.55
N LEU B 266 -2.67 10.06 14.56
CA LEU B 266 -3.61 9.03 14.12
C LEU B 266 -2.92 7.79 13.54
N TYR B 267 -1.74 7.96 12.95
CA TYR B 267 -1.05 6.82 12.40
C TYR B 267 -0.45 5.98 13.53
N MET B 268 -0.01 6.66 14.60
CA MET B 268 0.53 5.96 15.76
C MET B 268 -0.65 5.26 16.46
N MET B 269 -1.84 5.86 16.42
CA MET B 269 -3.00 5.20 17.01
C MET B 269 -3.23 3.88 16.27
N MET B 270 -3.11 3.91 14.94
CA MET B 270 -3.29 2.72 14.09
C MET B 270 -2.21 1.71 14.41
N ARG B 271 -0.97 2.17 14.44
CA ARG B 271 0.18 1.34 14.77
C ARG B 271 0.06 0.77 16.19
N ASP B 272 -0.50 1.56 17.11
CA ASP B 272 -0.76 1.14 18.49
C ASP B 272 -1.75 -0.05 18.44
N CYS B 273 -2.85 0.11 17.70
CA CYS B 273 -3.87 -0.95 17.53
C CYS B 273 -3.28 -2.19 16.90
N TRP B 274 -2.21 -2.01 16.11
CA TRP B 274 -1.54 -3.14 15.44
C TRP B 274 -0.33 -3.71 16.21
N HIS B 275 -0.24 -3.50 17.51
CA HIS B 275 0.88 -4.09 18.28
C HIS B 275 0.78 -5.61 18.20
N ALA B 276 1.91 -6.29 18.02
CA ALA B 276 1.90 -7.77 17.95
C ALA B 276 1.37 -8.47 19.23
N VAL B 277 1.57 -7.85 20.38
CA VAL B 277 1.11 -8.38 21.67
C VAL B 277 -0.20 -7.65 22.06
N PRO B 278 -1.29 -8.41 22.17
CA PRO B 278 -2.60 -7.82 22.45
C PRO B 278 -2.71 -6.88 23.65
N SER B 279 -2.06 -7.17 24.77
CA SER B 279 -2.14 -6.33 25.97
C SER B 279 -1.48 -4.96 25.81
N GLN B 280 -0.59 -4.85 24.82
CA GLN B 280 0.09 -3.59 24.52
C GLN B 280 -0.72 -2.70 23.59
N ARG B 281 -1.83 -3.21 23.04
CA ARG B 281 -2.69 -2.39 22.20
C ARG B 281 -3.53 -1.60 23.18
N PRO B 282 -4.01 -0.44 22.79
CA PRO B 282 -4.96 0.30 23.65
C PRO B 282 -6.28 -0.48 23.78
N THR B 283 -7.12 -0.11 24.74
CA THR B 283 -8.43 -0.75 24.89
C THR B 283 -9.36 0.20 24.22
N PHE B 284 -10.61 -0.24 23.96
CA PHE B 284 -11.59 0.65 23.36
C PHE B 284 -11.86 1.82 24.28
N LYS B 285 -11.64 1.60 25.59
CA LYS B 285 -11.84 2.64 26.60
C LYS B 285 -10.85 3.77 26.36
N GLN B 286 -9.58 3.41 26.25
CA GLN B 286 -8.51 4.37 25.99
C GLN B 286 -8.69 5.04 24.62
N LEU B 287 -9.10 4.27 23.61
CA LEU B 287 -9.29 4.81 22.25
C LEU B 287 -10.37 5.87 22.22
N VAL B 288 -11.43 5.64 22.99
CA VAL B 288 -12.53 6.58 23.09
C VAL B 288 -12.06 7.87 23.75
N GLU B 289 -11.23 7.77 24.77
CA GLU B 289 -10.72 8.97 25.48
C GLU B 289 -9.80 9.77 24.57
N ASP B 290 -8.86 9.09 23.93
CA ASP B 290 -7.91 9.74 23.00
C ASP B 290 -8.62 10.37 21.79
N LEU B 291 -9.62 9.69 21.24
CA LEU B 291 -10.35 10.22 20.09
C LEU B 291 -11.20 11.43 20.46
N ASP B 292 -11.69 11.48 21.69
CA ASP B 292 -12.47 12.64 22.16
C ASP B 292 -11.57 13.91 22.24
N ARG B 293 -10.38 13.71 22.78
CA ARG B 293 -9.37 14.75 22.90
C ARG B 293 -8.90 15.20 21.51
N ILE B 294 -8.64 14.25 20.61
CA ILE B 294 -8.19 14.57 19.26
C ILE B 294 -9.28 15.33 18.48
N VAL B 295 -10.55 14.95 18.62
CA VAL B 295 -11.66 15.62 17.93
C VAL B 295 -11.72 17.10 18.30
N ALA B 296 -11.55 17.37 19.59
CA ALA B 296 -11.60 18.74 20.14
C ALA B 296 -10.45 19.62 19.61
N LEU B 297 -9.29 19.00 19.41
CA LEU B 297 -8.08 19.66 18.95
C LEU B 297 -7.90 19.58 17.43
N THR B 298 -8.97 19.18 16.74
CA THR B 298 -8.92 19.01 15.29
C THR B 298 -9.64 20.17 14.62
N SER B 299 -8.96 20.73 13.60
CA SER B 299 -9.46 21.83 12.79
C SER B 299 -10.78 21.49 12.10
N ASN B 300 -11.80 22.31 12.33
CA ASN B 300 -13.07 22.17 11.62
C ASN B 300 -12.84 22.52 10.14
N GLN B 301 -11.82 23.38 9.93
CA GLN B 301 -11.29 23.86 8.65
C GLN B 301 -11.37 25.40 8.50
N GLU B 302 -12.57 25.96 8.59
CA GLU B 302 -12.76 27.40 8.38
C GLU B 302 -12.29 28.28 9.55
C15 C4F C . 27.21 1.34 -15.38
O14 C4F C . 26.86 0.79 -14.10
C13 C4F C . 27.70 -0.15 -13.51
C16 C4F C . 28.69 -0.79 -14.23
C17 C4F C . 29.54 -1.67 -13.57
C18 C4F C . 29.38 -1.92 -12.22
C12 C4F C . 27.56 -0.37 -12.15
C11 C4F C . 28.38 -1.28 -11.51
C10 C4F C . 28.19 -1.50 -10.03
C9 C4F C . 28.93 -0.37 -9.29
C1 C4F C . 29.00 -0.14 -7.84
C8 C4F C . 29.66 0.63 -9.80
N7 C4F C . 30.14 1.40 -8.89
C6 C4F C . 29.79 0.96 -7.68
N5 C4F C . 30.09 1.45 -6.49
C4 C4F C . 29.57 0.85 -5.40
C3 C4F C . 28.77 -0.29 -5.51
C2 C4F C . 28.49 -0.83 -6.77
C15 C4F D . -27.43 -5.49 14.25
O14 C4F D . -27.10 -5.52 12.87
C13 C4F D . -28.04 -5.80 11.93
C16 C4F D . -29.11 -6.65 12.21
C17 C4F D . -30.06 -6.88 11.21
C18 C4F D . -29.92 -6.27 9.97
C12 C4F D . -27.90 -5.20 10.67
C11 C4F D . -28.85 -5.43 9.68
C10 C4F D . -28.72 -4.74 8.33
C9 C4F D . -29.28 -3.33 8.38
C1 C4F D . -29.33 -2.30 7.30
C8 C4F D . -29.85 -2.71 9.43
N7 C4F D . -30.21 -1.52 9.14
C6 C4F D . -29.92 -1.22 7.86
N5 C4F D . -30.11 -0.05 7.18
C4 C4F D . -29.70 0.03 5.90
C3 C4F D . -29.09 -1.06 5.29
C2 C4F D . -28.88 -2.26 5.99
#